data_4NTB
#
_entry.id   4NTB
#
_cell.length_a   169.297
_cell.length_b   169.297
_cell.length_c   169.297
_cell.angle_alpha   90.00
_cell.angle_beta   90.00
_cell.angle_gamma   90.00
#
_symmetry.space_group_name_H-M   'F 2 3'
#
loop_
_entity.id
_entity.type
_entity.pdbx_description
1 polymer 'Leukotriene C4 synthase'
2 non-polymer 'NICKEL (II) ION'
3 non-polymer 'SULFATE ION'
4 non-polymer GLUTATHIONE
5 non-polymer 'PALMITIC ACID'
#
_entity_poly.entity_id   1
_entity_poly.type   'polypeptide(L)'
_entity_poly.pdbx_seq_one_letter_code
;MHHHHHHKDEVALLATVTLVGVLLQAYFSLQVISARRAFHVSPPLTSGPPEFERVFRAQVNCSEYFPLFLATLWVAGIFF
HEGAAALCGLFYLFARLRYFQGYARSAQLRLTPLYASARALWLLVAMAALGLLVHFLPGTLRTALFRWLQMLLPMA
;
_entity_poly.pdbx_strand_id   A
#
loop_
_chem_comp.id
_chem_comp.type
_chem_comp.name
_chem_comp.formula
GSH non-polymer GLUTATHIONE 'C10 H17 N3 O6 S'
NI non-polymer 'NICKEL (II) ION' 'Ni 2'
PLM non-polymer 'PALMITIC ACID' 'C16 H32 O2'
SO4 non-polymer 'SULFATE ION' 'O4 S -2'
#
# COMPACT_ATOMS: atom_id res chain seq x y z
N HIS A 6 21.35 18.68 -1.48
CA HIS A 6 20.82 17.34 -1.19
C HIS A 6 19.75 17.40 -0.08
N HIS A 7 18.48 17.44 -0.50
CA HIS A 7 17.34 17.38 0.45
C HIS A 7 16.79 15.96 0.55
N LYS A 8 17.66 14.99 0.29
CA LYS A 8 17.34 13.56 0.27
C LYS A 8 17.08 12.95 1.67
N ASP A 9 17.91 13.34 2.65
CA ASP A 9 17.98 12.70 3.98
C ASP A 9 16.63 12.39 4.65
N GLU A 10 15.71 13.33 4.61
CA GLU A 10 14.43 13.23 5.31
C GLU A 10 13.37 12.38 4.59
N VAL A 11 13.82 11.62 3.58
CA VAL A 11 12.88 11.03 2.65
C VAL A 11 13.33 9.66 2.15
N ALA A 12 14.55 9.28 2.54
CA ALA A 12 15.20 8.11 1.99
C ALA A 12 14.54 6.85 2.47
N LEU A 13 13.97 6.87 3.68
CA LEU A 13 13.23 5.69 4.17
C LEU A 13 11.95 5.46 3.38
N LEU A 14 11.24 6.54 3.09
CA LEU A 14 10.04 6.45 2.29
C LEU A 14 10.39 5.93 0.90
N ALA A 15 11.53 6.41 0.37
CA ALA A 15 11.92 6.03 -0.98
C ALA A 15 12.34 4.56 -1.03
N THR A 16 12.99 4.10 0.01
CA THR A 16 13.45 2.72 0.04
C THR A 16 12.30 1.73 0.26
N VAL A 17 11.30 2.10 1.05
CA VAL A 17 10.12 1.24 1.17
C VAL A 17 9.38 1.21 -0.18
N THR A 18 9.25 2.37 -0.81
CA THR A 18 8.72 2.46 -2.16
C THR A 18 9.41 1.49 -3.12
N LEU A 19 10.73 1.35 -2.98
CA LEU A 19 11.50 0.49 -3.86
C LEU A 19 11.26 -0.98 -3.54
N VAL A 20 11.09 -1.29 -2.24
CA VAL A 20 10.74 -2.65 -1.81
C VAL A 20 9.39 -3.01 -2.40
N GLY A 21 8.47 -2.04 -2.38
CA GLY A 21 7.16 -2.21 -2.99
C GLY A 21 7.25 -2.51 -4.47
N VAL A 22 8.13 -1.80 -5.17
CA VAL A 22 8.35 -2.07 -6.59
C VAL A 22 8.88 -3.49 -6.84
N LEU A 23 9.84 -3.92 -6.02
CA LEU A 23 10.43 -5.25 -6.21
C LEU A 23 9.38 -6.31 -5.95
N LEU A 24 8.58 -6.06 -4.91
CA LEU A 24 7.53 -6.97 -4.54
C LEU A 24 6.50 -7.11 -5.68
N GLN A 25 6.08 -5.99 -6.27
CA GLN A 25 5.14 -6.03 -7.41
C GLN A 25 5.73 -6.77 -8.60
N ALA A 26 7.03 -6.59 -8.82
CA ALA A 26 7.71 -7.27 -9.91
C ALA A 26 7.79 -8.76 -9.61
N TYR A 27 7.98 -9.10 -8.34
CA TYR A 27 7.93 -10.48 -7.90
C TYR A 27 6.60 -11.11 -8.28
N PHE A 28 5.50 -10.47 -7.94
CA PHE A 28 4.16 -10.99 -8.29
C PHE A 28 4.01 -11.20 -9.78
N SER A 29 4.47 -10.24 -10.57
CA SER A 29 4.35 -10.26 -12.03
C SER A 29 5.09 -11.44 -12.68
N LEU A 30 6.28 -11.76 -12.15
CA LEU A 30 7.04 -12.91 -12.61
C LEU A 30 6.31 -14.21 -12.25
N GLN A 31 5.70 -14.23 -11.05
CA GLN A 31 4.90 -15.39 -10.62
C GLN A 31 3.72 -15.69 -11.57
N VAL A 32 2.99 -14.65 -11.95
CA VAL A 32 1.98 -14.81 -13.01
C VAL A 32 2.58 -15.38 -14.30
N ILE A 33 3.81 -15.00 -14.68
CA ILE A 33 4.43 -15.52 -15.92
C ILE A 33 4.69 -17.03 -15.85
N SER A 34 5.17 -17.51 -14.70
CA SER A 34 5.38 -18.95 -14.53
C SER A 34 4.08 -19.77 -14.36
N ALA A 35 3.06 -19.17 -13.77
CA ALA A 35 1.76 -19.84 -13.68
C ALA A 35 1.04 -19.82 -15.03
N ARG A 36 1.44 -18.89 -15.87
CA ARG A 36 0.94 -18.72 -17.23
C ARG A 36 1.47 -19.85 -18.11
N ARG A 37 2.69 -20.27 -17.81
CA ARG A 37 3.38 -21.34 -18.51
C ARG A 37 2.95 -22.71 -17.97
N ALA A 38 2.98 -22.86 -16.64
CA ALA A 38 2.59 -24.11 -15.97
C ALA A 38 1.17 -24.62 -16.28
N PHE A 39 0.25 -23.73 -16.69
CA PHE A 39 -1.12 -24.13 -16.98
C PHE A 39 -1.53 -23.80 -18.43
N HIS A 40 -0.53 -23.55 -19.28
CA HIS A 40 -0.73 -23.30 -20.71
C HIS A 40 -1.74 -22.19 -21.03
N VAL A 41 -1.75 -21.12 -20.22
CA VAL A 41 -2.68 -20.02 -20.45
C VAL A 41 -1.99 -18.87 -21.19
N SER A 42 -1.99 -18.91 -22.52
CA SER A 42 -1.18 -17.96 -23.28
C SER A 42 -1.95 -16.66 -23.64
N PRO A 43 -1.27 -15.50 -23.50
CA PRO A 43 -1.83 -14.16 -23.77
C PRO A 43 -2.53 -14.05 -25.15
N PRO A 44 -3.72 -13.42 -25.21
CA PRO A 44 -4.43 -12.80 -24.07
C PRO A 44 -5.06 -13.87 -23.16
N LEU A 45 -6.36 -13.85 -22.92
CA LEU A 45 -6.95 -14.86 -22.02
C LEU A 45 -6.43 -14.69 -20.60
N THR A 46 -7.34 -14.40 -19.67
CA THR A 46 -6.99 -14.29 -18.27
C THR A 46 -7.73 -15.35 -17.44
N SER A 47 -8.15 -16.41 -18.12
CA SER A 47 -8.93 -17.48 -17.50
C SER A 47 -8.25 -18.84 -17.67
N GLY A 48 -8.46 -19.73 -16.71
CA GLY A 48 -7.93 -21.08 -16.77
C GLY A 48 -8.39 -21.88 -15.58
N PRO A 49 -7.58 -22.87 -15.19
CA PRO A 49 -7.82 -23.60 -13.92
C PRO A 49 -7.79 -22.63 -12.74
N PRO A 50 -8.44 -22.97 -11.61
CA PRO A 50 -8.53 -22.07 -10.45
C PRO A 50 -7.17 -21.73 -9.82
N GLU A 51 -6.20 -22.62 -9.91
CA GLU A 51 -4.85 -22.32 -9.41
C GLU A 51 -4.31 -21.09 -10.13
N PHE A 52 -4.41 -21.08 -11.47
CA PHE A 52 -3.95 -19.94 -12.25
C PHE A 52 -4.74 -18.66 -11.93
N GLU A 53 -6.07 -18.76 -11.94
CA GLU A 53 -6.91 -17.59 -11.71
C GLU A 53 -6.63 -16.92 -10.37
N ARG A 54 -6.49 -17.72 -9.32
CA ARG A 54 -6.11 -17.17 -8.01
C ARG A 54 -4.81 -16.36 -8.07
N VAL A 55 -3.80 -16.91 -8.74
CA VAL A 55 -2.52 -16.20 -8.89
C VAL A 55 -2.64 -14.91 -9.73
N PHE A 56 -3.37 -14.97 -10.84
CA PHE A 56 -3.68 -13.78 -11.63
C PHE A 56 -4.33 -12.71 -10.74
N ARG A 57 -5.29 -13.13 -9.92
CA ARG A 57 -6.10 -12.16 -9.16
C ARG A 57 -5.34 -11.58 -7.99
N ALA A 58 -4.47 -12.39 -7.40
CA ALA A 58 -3.64 -11.88 -6.32
C ALA A 58 -2.82 -10.70 -6.84
N GLN A 59 -2.15 -10.93 -7.97
CA GLN A 59 -1.30 -9.93 -8.62
C GLN A 59 -2.07 -8.66 -8.95
N VAL A 60 -3.24 -8.85 -9.55
CA VAL A 60 -4.11 -7.74 -9.93
C VAL A 60 -4.57 -6.94 -8.72
N ASN A 61 -4.91 -7.67 -7.66
CA ASN A 61 -5.42 -7.03 -6.47
C ASN A 61 -4.34 -6.13 -5.90
N CYS A 62 -3.16 -6.70 -5.69
CA CYS A 62 -2.03 -5.96 -5.14
C CYS A 62 -1.66 -4.74 -5.95
N SER A 63 -1.79 -4.86 -7.27
CA SER A 63 -1.28 -3.83 -8.13
C SER A 63 -2.28 -2.68 -8.24
N GLU A 64 -3.45 -2.92 -7.68
CA GLU A 64 -4.55 -1.97 -7.63
C GLU A 64 -4.46 -1.16 -6.32
N TYR A 65 -3.99 -1.80 -5.25
CA TYR A 65 -3.83 -1.08 -4.00
C TYR A 65 -2.49 -0.40 -3.93
N PHE A 66 -1.61 -0.80 -4.83
CA PHE A 66 -0.24 -0.30 -4.78
C PHE A 66 -0.10 1.25 -4.82
N PRO A 67 -0.81 1.93 -5.73
CA PRO A 67 -0.83 3.40 -5.71
C PRO A 67 -1.46 4.02 -4.47
N LEU A 68 -2.49 3.38 -3.91
CA LEU A 68 -3.07 3.89 -2.69
C LEU A 68 -1.98 3.87 -1.64
N PHE A 69 -1.41 2.69 -1.47
CA PHE A 69 -0.26 2.53 -0.60
C PHE A 69 0.80 3.61 -0.74
N LEU A 70 1.30 3.82 -1.95
CA LEU A 70 2.32 4.84 -2.19
C LEU A 70 1.88 6.24 -1.81
N ALA A 71 0.73 6.66 -2.34
CA ALA A 71 0.19 7.96 -1.99
C ALA A 71 0.17 8.17 -0.46
N THR A 72 -0.39 7.23 0.30
CA THR A 72 -0.61 7.51 1.71
C THR A 72 0.70 7.37 2.42
N LEU A 73 1.57 6.52 1.89
CA LEU A 73 2.87 6.32 2.50
C LEU A 73 3.64 7.64 2.48
N TRP A 74 3.68 8.28 1.31
CA TRP A 74 4.31 9.61 1.18
C TRP A 74 3.61 10.69 2.00
N VAL A 75 2.30 10.83 1.91
CA VAL A 75 1.62 11.88 2.65
C VAL A 75 1.80 11.68 4.16
N ALA A 76 1.78 10.43 4.60
CA ALA A 76 1.94 10.15 6.03
C ALA A 76 3.38 10.42 6.45
N GLY A 77 4.32 10.06 5.58
CA GLY A 77 5.73 10.22 5.88
C GLY A 77 6.16 11.69 5.91
N ILE A 78 5.56 12.50 5.06
CA ILE A 78 5.84 13.94 4.99
C ILE A 78 5.10 14.78 6.05
N PHE A 79 3.88 14.39 6.38
CA PHE A 79 3.05 15.24 7.20
C PHE A 79 2.86 14.75 8.63
N PHE A 80 3.32 13.55 8.92
CA PHE A 80 3.18 13.04 10.27
C PHE A 80 4.53 12.65 10.84
N HIS A 81 5.11 11.59 10.30
CA HIS A 81 6.41 11.14 10.76
C HIS A 81 6.95 10.09 9.80
N GLU A 82 8.17 10.29 9.32
CA GLU A 82 8.75 9.43 8.30
C GLU A 82 8.96 7.97 8.73
N GLY A 83 9.48 7.75 9.94
CA GLY A 83 9.83 6.42 10.41
C GLY A 83 8.63 5.52 10.67
N ALA A 84 7.56 6.07 11.26
CA ALA A 84 6.34 5.31 11.49
C ALA A 84 5.69 4.93 10.18
N ALA A 85 5.61 5.91 9.27
CA ALA A 85 5.02 5.68 7.95
C ALA A 85 5.78 4.55 7.27
N ALA A 86 7.11 4.64 7.32
CA ALA A 86 7.98 3.62 6.75
C ALA A 86 7.78 2.29 7.40
N LEU A 87 7.30 2.29 8.63
CA LEU A 87 7.15 1.08 9.41
C LEU A 87 5.85 0.38 9.07
N CYS A 88 4.74 1.11 9.05
CA CYS A 88 3.50 0.56 8.50
C CYS A 88 3.70 0.10 7.08
N GLY A 89 4.52 0.87 6.34
CA GLY A 89 4.88 0.52 4.97
C GLY A 89 5.40 -0.91 4.85
N LEU A 90 6.25 -1.31 5.78
CA LEU A 90 6.85 -2.65 5.75
CA LEU A 90 6.84 -2.65 5.73
C LEU A 90 5.84 -3.71 6.14
N PHE A 91 5.04 -3.41 7.18
CA PHE A 91 3.97 -4.33 7.59
C PHE A 91 3.07 -4.53 6.39
N TYR A 92 2.64 -3.42 5.80
CA TYR A 92 1.77 -3.49 4.65
C TYR A 92 2.38 -4.38 3.59
N LEU A 93 3.57 -4.02 3.12
CA LEU A 93 4.26 -4.79 2.08
C LEU A 93 4.39 -6.24 2.47
N PHE A 94 4.72 -6.48 3.74
CA PHE A 94 4.90 -7.85 4.21
C PHE A 94 3.58 -8.62 4.23
N ALA A 95 2.54 -7.97 4.75
CA ALA A 95 1.20 -8.56 4.70
C ALA A 95 0.79 -8.87 3.27
N ARG A 96 1.17 -8.01 2.33
CA ARG A 96 0.77 -8.22 0.95
C ARG A 96 1.52 -9.40 0.30
N LEU A 97 2.76 -9.64 0.75
CA LEU A 97 3.49 -10.83 0.33
C LEU A 97 2.79 -12.12 0.83
N ARG A 98 2.35 -12.13 2.08
CA ARG A 98 1.55 -13.24 2.59
C ARG A 98 0.19 -13.39 1.87
N TYR A 99 -0.47 -12.28 1.61
CA TYR A 99 -1.73 -12.26 0.84
C TYR A 99 -1.56 -13.03 -0.46
N PHE A 100 -0.50 -12.70 -1.19
CA PHE A 100 -0.24 -13.29 -2.51
C PHE A 100 0.06 -14.79 -2.41
N GLN A 101 0.87 -15.15 -1.42
CA GLN A 101 1.23 -16.55 -1.20
C GLN A 101 0.04 -17.36 -0.70
N GLY A 102 -0.82 -16.73 0.09
CA GLY A 102 -2.03 -17.37 0.55
C GLY A 102 -2.96 -17.63 -0.61
N TYR A 103 -3.38 -16.55 -1.25
CA TYR A 103 -4.33 -16.58 -2.38
C TYR A 103 -3.99 -17.69 -3.37
N ALA A 104 -2.70 -17.88 -3.63
CA ALA A 104 -2.23 -18.85 -4.61
C ALA A 104 -2.55 -20.31 -4.24
N ARG A 105 -2.40 -20.65 -2.96
CA ARG A 105 -2.71 -22.00 -2.53
C ARG A 105 -4.22 -22.18 -2.28
N SER A 106 -4.85 -21.18 -1.66
CA SER A 106 -6.27 -21.22 -1.36
C SER A 106 -6.84 -19.80 -1.40
N ALA A 107 -8.06 -19.65 -1.89
CA ALA A 107 -8.68 -18.32 -1.85
C ALA A 107 -9.05 -17.90 -0.42
N GLN A 108 -9.25 -18.87 0.46
CA GLN A 108 -9.62 -18.56 1.83
C GLN A 108 -8.38 -18.16 2.62
N LEU A 109 -7.22 -18.67 2.18
CA LEU A 109 -5.95 -18.48 2.89
C LEU A 109 -5.34 -17.14 2.54
N ARG A 110 -6.03 -16.41 1.67
CA ARG A 110 -5.72 -15.02 1.33
C ARG A 110 -6.26 -14.04 2.38
N LEU A 111 -7.30 -14.46 3.11
CA LEU A 111 -8.06 -13.54 3.98
C LEU A 111 -7.29 -13.00 5.19
N THR A 112 -6.51 -13.86 5.84
CA THR A 112 -5.73 -13.44 7.00
C THR A 112 -4.69 -12.33 6.68
N PRO A 113 -3.86 -12.53 5.62
CA PRO A 113 -2.93 -11.43 5.29
C PRO A 113 -3.58 -10.21 4.62
N LEU A 114 -4.77 -10.38 4.03
CA LEU A 114 -5.52 -9.24 3.51
C LEU A 114 -5.95 -8.32 4.65
N TYR A 115 -6.46 -8.93 5.71
CA TYR A 115 -6.90 -8.23 6.91
C TYR A 115 -5.72 -7.49 7.56
N ALA A 116 -4.54 -8.13 7.57
CA ALA A 116 -3.33 -7.45 8.06
C ALA A 116 -2.89 -6.29 7.13
N SER A 117 -2.92 -6.50 5.80
CA SER A 117 -2.65 -5.44 4.83
C SER A 117 -3.58 -4.23 5.00
N ALA A 118 -4.84 -4.48 5.34
CA ALA A 118 -5.81 -3.39 5.47
C ALA A 118 -5.55 -2.54 6.72
N ARG A 119 -5.21 -3.21 7.83
CA ARG A 119 -4.93 -2.48 9.07
C ARG A 119 -3.76 -1.54 8.88
N ALA A 120 -2.67 -2.08 8.33
CA ALA A 120 -1.48 -1.26 8.05
C ALA A 120 -1.85 -0.09 7.15
N LEU A 121 -2.62 -0.36 6.10
CA LEU A 121 -2.98 0.67 5.14
C LEU A 121 -3.87 1.76 5.74
N TRP A 122 -4.86 1.34 6.53
CA TRP A 122 -5.71 2.29 7.27
C TRP A 122 -4.96 3.09 8.31
N LEU A 123 -3.90 2.51 8.85
CA LEU A 123 -3.05 3.22 9.79
C LEU A 123 -2.32 4.37 9.07
N LEU A 124 -1.81 4.09 7.88
CA LEU A 124 -1.18 5.13 7.07
C LEU A 124 -2.13 6.24 6.75
N VAL A 125 -3.38 5.88 6.48
CA VAL A 125 -4.37 6.87 6.13
C VAL A 125 -4.65 7.77 7.33
N ALA A 126 -4.85 7.15 8.48
CA ALA A 126 -5.10 7.88 9.72
C ALA A 126 -3.95 8.82 10.05
N MET A 127 -2.73 8.31 9.95
CA MET A 127 -1.54 9.14 10.15
C MET A 127 -1.49 10.33 9.20
N ALA A 128 -1.75 10.07 7.91
CA ALA A 128 -1.86 11.11 6.89
C ALA A 128 -2.92 12.15 7.25
N ALA A 129 -4.12 11.69 7.62
CA ALA A 129 -5.23 12.56 8.01
C ALA A 129 -4.89 13.41 9.22
N LEU A 130 -4.27 12.79 10.22
CA LEU A 130 -3.76 13.52 11.40
C LEU A 130 -2.68 14.53 11.03
N GLY A 131 -1.80 14.15 10.11
CA GLY A 131 -0.76 15.05 9.63
C GLY A 131 -1.33 16.30 8.96
N LEU A 132 -2.28 16.10 8.04
CA LEU A 132 -2.89 17.23 7.36
C LEU A 132 -3.74 18.11 8.30
N LEU A 133 -4.41 17.48 9.25
CA LEU A 133 -5.16 18.23 10.26
C LEU A 133 -4.28 19.23 11.00
N VAL A 134 -3.08 18.79 11.38
CA VAL A 134 -2.15 19.67 12.09
C VAL A 134 -1.72 20.83 11.23
N HIS A 135 -1.46 20.54 9.97
CA HIS A 135 -0.99 21.59 9.10
C HIS A 135 -2.04 22.67 8.92
N PHE A 136 -3.29 22.25 8.75
CA PHE A 136 -4.36 23.10 8.27
C PHE A 136 -5.23 23.73 9.35
N LEU A 137 -5.42 23.00 10.45
CA LEU A 137 -6.42 23.37 11.45
C LEU A 137 -6.08 24.58 12.33
N PRO A 138 -4.80 24.72 12.77
CA PRO A 138 -4.40 25.97 13.41
C PRO A 138 -4.65 27.20 12.54
N GLY A 139 -4.10 27.24 11.33
CA GLY A 139 -4.29 28.35 10.40
C GLY A 139 -5.74 28.79 10.26
N THR A 140 -6.66 27.84 10.34
CA THR A 140 -8.06 28.13 10.07
C THR A 140 -8.91 28.41 11.33
N LEU A 141 -8.53 27.81 12.45
CA LEU A 141 -9.13 28.17 13.72
C LEU A 141 -8.74 29.60 14.08
N ARG A 142 -7.48 29.97 13.79
CA ARG A 142 -6.96 31.31 14.07
C ARG A 142 -7.87 32.36 13.45
N THR A 143 -8.23 32.15 12.19
CA THR A 143 -9.00 33.14 11.44
C THR A 143 -10.50 33.00 11.62
N ALA A 144 -10.95 31.81 12.03
CA ALA A 144 -12.32 31.66 12.51
C ALA A 144 -12.51 32.51 13.76
N LEU A 145 -11.47 32.63 14.58
CA LEU A 145 -11.51 33.44 15.77
C LEU A 145 -11.36 34.93 15.46
N PHE A 146 -10.94 35.26 14.25
CA PHE A 146 -10.93 36.65 13.83
C PHE A 146 -12.28 37.17 13.41
N ARG A 147 -13.20 36.27 13.06
CA ARG A 147 -14.58 36.67 12.81
C ARG A 147 -15.07 37.38 14.05
N TRP A 148 -14.92 36.72 15.19
CA TRP A 148 -15.41 37.25 16.46
C TRP A 148 -14.56 38.40 17.05
N LEU A 149 -13.95 39.19 16.16
CA LEU A 149 -13.37 40.49 16.50
C LEU A 149 -13.51 41.31 15.20
N GLN A 150 -14.17 42.47 15.21
CA GLN A 150 -14.69 43.23 16.37
C GLN A 150 -15.85 42.57 17.12
N MET A 151 -16.04 42.85 18.42
CA MET A 151 -15.17 43.63 19.34
C MET A 151 -14.89 45.10 18.98
NI NI B . 14.79 22.73 -0.54
S SO4 C . -11.01 -21.91 -1.81
O1 SO4 C . -10.71 -21.27 -3.09
O2 SO4 C . -9.81 -22.54 -1.29
O3 SO4 C . -11.51 -20.91 -0.85
O4 SO4 C . -12.04 -22.93 -2.03
N1 GSH D . -10.66 -5.44 -7.12
CA1 GSH D . -11.20 -5.95 -5.87
C1 GSH D . -12.16 -7.13 -6.15
O11 GSH D . -12.47 -7.46 -7.33
O12 GSH D . -12.66 -7.80 -5.19
CB1 GSH D . -11.85 -4.78 -5.15
CG1 GSH D . -12.28 -5.08 -3.70
CD1 GSH D . -11.34 -5.96 -2.84
OE1 GSH D . -10.35 -5.49 -2.36
N2 GSH D . -11.68 -7.35 -2.59
CA2 GSH D . -10.84 -8.21 -1.74
C2 GSH D . -10.19 -9.35 -2.52
O2 GSH D . -9.31 -9.98 -1.96
CB2 GSH D . -11.63 -8.82 -0.62
SG2 GSH D . -13.07 -9.72 -1.11
N3 GSH D . -10.62 -9.63 -3.84
CA3 GSH D . -10.03 -10.70 -4.59
C3 GSH D . -9.69 -10.29 -6.02
O31 GSH D . -9.25 -9.13 -6.30
O32 GSH D . -9.84 -11.17 -6.93
C1 PLM E . -5.74 26.10 18.56
C2 PLM E . -5.86 26.73 17.13
C3 PLM E . -5.93 28.28 17.02
C4 PLM E . -4.59 29.03 17.29
C5 PLM E . -3.70 29.32 16.04
C6 PLM E . -2.21 29.62 16.38
C7 PLM E . -1.27 29.86 15.18
C8 PLM E . 0.15 29.24 15.33
C9 PLM E . 0.51 28.18 14.26
CA PLM E . 1.78 27.36 14.59
C1 PLM F . -8.12 15.95 6.36
C2 PLM F . -7.41 17.24 5.76
C3 PLM F . -8.20 18.58 5.76
C4 PLM F . -7.77 19.58 4.62
C5 PLM F . -8.54 20.94 4.57
C6 PLM F . -8.22 21.83 3.32
C7 PLM F . -8.66 23.32 3.48
C8 PLM F . -7.92 24.37 2.58
C9 PLM F . -7.94 25.82 3.15
CA PLM F . -7.05 26.84 2.39
C1 PLM G . 9.36 -16.01 -0.95
C2 PLM G . 10.29 -15.03 -1.80
C3 PLM G . 9.73 -13.61 -2.04
C4 PLM G . 10.76 -12.61 -2.63
C5 PLM G . 10.31 -11.12 -2.56
C6 PLM G . 11.41 -10.10 -2.93
C7 PLM G . 10.96 -8.63 -2.91
C8 PLM G . 10.13 -8.22 -1.67
#